data_6ROZ
#
_entry.id   6ROZ
#
_cell.length_a   30.035
_cell.length_b   30.035
_cell.length_c   213.113
_cell.angle_alpha   90.00
_cell.angle_beta   90.00
_cell.angle_gamma   90.00
#
_symmetry.space_group_name_H-M   'P 43'
#
loop_
_entity.id
_entity.type
_entity.pdbx_description
1 polymer 'Tyrosine-protein phosphatase non-receptor type 11'
2 polymer 'immune receptor tyrosine-based switch motif (ITSM)'
#
loop_
_entity_poly.entity_id
_entity_poly.type
_entity_poly.pdbx_seq_one_letter_code
_entity_poly.pdbx_strand_id
1 'polypeptide(L)'
;MASRRWFHPNITGVEAENLLLTRGVDGSFLARPSKSNPGDFTLSVRRNGAVTHIKIQNTGDYYDLYGGEKFATLAELVQY
YMEHHGQLKEKNGDVIELKYPLNC
;
A,C
2 'polypeptide(L)' EQTE(PTR)ATIVFP B,D
#
# COMPACT_ATOMS: atom_id res chain seq x y z
N SER A 3 5.07 -3.49 -20.20
CA SER A 3 5.51 -4.88 -19.89
C SER A 3 4.34 -5.73 -19.40
N ARG A 4 3.69 -5.27 -18.32
CA ARG A 4 2.60 -5.99 -17.62
C ARG A 4 2.79 -7.51 -17.59
N ARG A 5 3.98 -7.91 -17.15
CA ARG A 5 4.45 -9.30 -17.17
C ARG A 5 3.66 -10.30 -16.30
N TRP A 6 2.93 -9.79 -15.30
CA TRP A 6 2.07 -10.64 -14.44
C TRP A 6 0.74 -11.10 -15.06
N PHE A 7 0.38 -10.55 -16.23
CA PHE A 7 -0.86 -10.93 -16.92
C PHE A 7 -0.57 -12.02 -17.96
N HIS A 8 -1.04 -13.23 -17.65
CA HIS A 8 -0.92 -14.38 -18.54
C HIS A 8 -2.18 -14.47 -19.42
N PRO A 9 -2.03 -14.18 -20.74
CA PRO A 9 -3.19 -14.07 -21.62
C PRO A 9 -3.82 -15.37 -22.14
N ASN A 10 -3.09 -16.49 -22.09
CA ASN A 10 -3.55 -17.73 -22.75
C ASN A 10 -3.51 -18.93 -21.80
N ILE A 11 -4.16 -18.80 -20.65
CA ILE A 11 -4.07 -19.81 -19.59
C ILE A 11 -5.39 -20.04 -18.83
N THR A 12 -5.73 -21.32 -18.64
CA THR A 12 -6.85 -21.72 -17.76
C THR A 12 -6.47 -21.60 -16.29
N GLY A 13 -7.50 -21.53 -15.46
CA GLY A 13 -7.33 -21.54 -14.03
C GLY A 13 -6.71 -22.75 -13.39
N VAL A 14 -6.77 -23.91 -14.05
CA VAL A 14 -6.18 -25.12 -13.45
C VAL A 14 -4.70 -25.21 -13.84
N GLU A 15 -4.36 -24.76 -15.06
CA GLU A 15 -2.96 -24.61 -15.48
C GLU A 15 -2.24 -23.55 -14.65
N ALA A 16 -2.91 -22.41 -14.44
CA ALA A 16 -2.39 -21.34 -13.57
C ALA A 16 -2.18 -21.85 -12.14
N GLU A 17 -3.17 -22.59 -11.64
CA GLU A 17 -3.13 -23.19 -10.31
C GLU A 17 -1.94 -24.15 -10.13
N ASN A 18 -1.62 -24.93 -11.16
CA ASN A 18 -0.47 -25.85 -11.13
C ASN A 18 0.83 -25.05 -11.23
N LEU A 19 0.86 -24.13 -12.19
CA LEU A 19 2.04 -23.30 -12.49
C LEU A 19 2.55 -22.54 -11.27
N LEU A 20 1.64 -21.99 -10.46
CA LEU A 20 2.02 -21.30 -9.22
C LEU A 20 2.66 -22.22 -8.17
N LEU A 21 2.21 -23.47 -8.13
CA LEU A 21 2.79 -24.45 -7.19
C LEU A 21 4.14 -25.01 -7.67
N THR A 22 4.47 -24.83 -8.96
CA THR A 22 5.78 -25.23 -9.50
C THR A 22 6.76 -24.05 -9.56
N ARG A 23 6.35 -22.98 -10.23
CA ARG A 23 7.24 -21.86 -10.58
C ARG A 23 7.28 -20.76 -9.52
N GLY A 24 6.33 -20.76 -8.60
CA GLY A 24 6.17 -19.71 -7.60
C GLY A 24 6.37 -20.17 -6.17
N VAL A 25 6.12 -19.25 -5.24
CA VAL A 25 6.19 -19.49 -3.79
C VAL A 25 4.93 -18.92 -3.16
N ASP A 26 4.73 -19.16 -1.87
CA ASP A 26 3.60 -18.53 -1.16
C ASP A 26 3.77 -17.01 -1.17
N GLY A 27 2.76 -16.32 -1.72
CA GLY A 27 2.85 -14.89 -2.02
C GLY A 27 2.85 -14.60 -3.51
N SER A 28 3.14 -15.60 -4.34
CA SER A 28 3.11 -15.44 -5.80
C SER A 28 1.68 -15.32 -6.33
N PHE A 29 1.54 -14.63 -7.46
CA PHE A 29 0.23 -14.36 -8.04
C PHE A 29 0.35 -14.01 -9.52
N LEU A 30 -0.80 -13.99 -10.18
CA LEU A 30 -0.89 -13.59 -11.58
C LEU A 30 -2.30 -13.14 -11.90
N ALA A 31 -2.49 -12.59 -13.09
CA ALA A 31 -3.83 -12.26 -13.62
C ALA A 31 -4.09 -13.00 -14.93
N ARG A 32 -5.35 -13.39 -15.17
CA ARG A 32 -5.77 -14.13 -16.36
C ARG A 32 -7.13 -13.63 -16.84
N PRO A 33 -7.55 -14.03 -18.05
CA PRO A 33 -8.77 -13.45 -18.66
C PRO A 33 -10.14 -13.94 -18.15
N SER A 34 -10.19 -15.03 -17.37
CA SER A 34 -11.42 -15.56 -16.75
C SER A 34 -12.31 -16.30 -17.76
N LYS A 35 -12.49 -17.60 -17.54
CA LYS A 35 -13.35 -18.43 -18.39
C LYS A 35 -14.83 -18.16 -18.10
N SER A 36 -15.19 -18.14 -16.82
CA SER A 36 -16.59 -18.01 -16.37
C SER A 36 -17.35 -16.78 -16.91
N ASN A 37 -16.64 -15.68 -17.14
CA ASN A 37 -17.26 -14.46 -17.68
C ASN A 37 -16.31 -13.68 -18.60
N PRO A 38 -16.43 -13.89 -19.94
CA PRO A 38 -15.59 -13.14 -20.88
C PRO A 38 -15.83 -11.64 -20.78
N GLY A 39 -14.74 -10.86 -20.85
CA GLY A 39 -14.76 -9.45 -20.50
C GLY A 39 -14.07 -9.21 -19.15
N ASP A 40 -14.35 -10.07 -18.17
CA ASP A 40 -13.75 -9.95 -16.83
C ASP A 40 -12.29 -10.41 -16.79
N PHE A 41 -11.69 -10.37 -15.60
CA PHE A 41 -10.37 -10.94 -15.35
C PHE A 41 -10.40 -11.72 -14.04
N THR A 42 -9.29 -12.38 -13.70
CA THR A 42 -9.20 -13.16 -12.45
C THR A 42 -7.78 -13.15 -11.87
N LEU A 43 -7.65 -12.77 -10.59
CA LEU A 43 -6.38 -12.90 -9.85
C LEU A 43 -6.25 -14.31 -9.31
N SER A 44 -5.09 -14.94 -9.54
CA SER A 44 -4.82 -16.27 -9.01
C SER A 44 -3.61 -16.17 -8.11
N VAL A 45 -3.81 -16.45 -6.82
CA VAL A 45 -2.81 -16.19 -5.78
C VAL A 45 -2.47 -17.46 -5.03
N ARG A 46 -1.23 -17.56 -4.55
CA ARG A 46 -0.79 -18.71 -3.75
C ARG A 46 -0.65 -18.34 -2.27
N ARG A 47 -1.28 -19.17 -1.41
CA ARG A 47 -1.29 -18.98 0.05
C ARG A 47 -1.18 -20.33 0.76
N ASN A 48 -0.20 -20.46 1.67
CA ASN A 48 -0.05 -21.65 2.53
C ASN A 48 0.04 -23.00 1.78
N GLY A 49 0.66 -22.97 0.59
CA GLY A 49 0.84 -24.17 -0.23
C GLY A 49 -0.28 -24.47 -1.22
N ALA A 50 -1.39 -23.73 -1.13
CA ALA A 50 -2.55 -23.89 -2.00
C ALA A 50 -2.79 -22.58 -2.76
N VAL A 51 -3.77 -22.60 -3.66
CA VAL A 51 -4.07 -21.46 -4.53
C VAL A 51 -5.53 -21.02 -4.36
N THR A 52 -5.73 -19.71 -4.33
CA THR A 52 -7.04 -19.07 -4.27
C THR A 52 -7.24 -18.30 -5.58
N HIS A 53 -8.49 -18.21 -6.03
CA HIS A 53 -8.84 -17.43 -7.21
C HIS A 53 -9.81 -16.33 -6.82
N ILE A 54 -9.59 -15.14 -7.38
CA ILE A 54 -10.36 -13.94 -7.08
C ILE A 54 -10.89 -13.39 -8.40
N LYS A 55 -12.20 -13.16 -8.45
CA LYS A 55 -12.84 -12.63 -9.64
C LYS A 55 -12.68 -11.11 -9.70
N ILE A 56 -12.41 -10.59 -10.90
CA ILE A 56 -12.30 -9.14 -11.14
C ILE A 56 -13.33 -8.71 -12.18
N GLN A 57 -14.23 -7.82 -11.76
CA GLN A 57 -15.25 -7.24 -12.63
C GLN A 57 -14.66 -6.12 -13.49
N ASN A 58 -14.83 -6.26 -14.81
CA ASN A 58 -14.62 -5.17 -15.77
C ASN A 58 -15.97 -4.83 -16.39
N THR A 59 -16.46 -3.62 -16.10
CA THR A 59 -17.70 -3.15 -16.69
C THR A 59 -17.48 -2.67 -18.12
N GLY A 60 -16.30 -2.10 -18.37
CA GLY A 60 -16.01 -1.32 -19.56
C GLY A 60 -15.64 0.09 -19.15
N ASP A 61 -16.38 0.62 -18.16
CA ASP A 61 -16.09 1.92 -17.56
C ASP A 61 -14.95 1.86 -16.53
N TYR A 62 -14.98 0.84 -15.67
CA TYR A 62 -13.98 0.65 -14.60
C TYR A 62 -13.74 -0.82 -14.25
N TYR A 63 -12.70 -1.05 -13.45
CA TYR A 63 -12.31 -2.35 -12.90
C TYR A 63 -12.52 -2.42 -11.39
N ASP A 64 -13.05 -3.54 -10.89
CA ASP A 64 -13.25 -3.72 -9.42
C ASP A 64 -13.25 -5.23 -9.03
N LEU A 65 -13.37 -5.54 -7.74
CA LEU A 65 -13.42 -6.93 -7.26
C LEU A 65 -14.83 -7.33 -6.80
N TYR A 66 -15.83 -6.91 -7.56
CA TYR A 66 -17.23 -6.95 -7.13
C TYR A 66 -17.35 -6.34 -5.75
N GLY A 67 -16.91 -5.10 -5.64
CA GLY A 67 -16.81 -4.40 -4.36
C GLY A 67 -15.41 -3.88 -4.07
N GLY A 68 -15.34 -2.97 -3.10
CA GLY A 68 -14.09 -2.29 -2.76
C GLY A 68 -13.81 -1.12 -3.68
N GLU A 69 -12.54 -0.73 -3.73
CA GLU A 69 -12.12 0.43 -4.50
C GLU A 69 -12.20 0.13 -6.01
N LYS A 70 -12.57 1.15 -6.78
CA LYS A 70 -12.75 1.05 -8.24
C LYS A 70 -11.58 1.74 -8.95
N PHE A 71 -11.13 1.17 -10.07
CA PHE A 71 -9.91 1.64 -10.75
C PHE A 71 -10.15 1.81 -12.24
N ALA A 72 -9.38 2.72 -12.86
CA ALA A 72 -9.53 2.99 -14.29
C ALA A 72 -8.94 1.88 -15.15
N THR A 73 -7.81 1.31 -14.72
CA THR A 73 -7.13 0.23 -15.45
C THR A 73 -6.76 -0.91 -14.49
N LEU A 74 -6.55 -2.09 -15.07
CA LEU A 74 -6.23 -3.31 -14.31
C LEU A 74 -4.92 -3.20 -13.53
N ALA A 75 -3.93 -2.55 -14.12
CA ALA A 75 -2.64 -2.31 -13.46
C ALA A 75 -2.79 -1.52 -12.17
N GLU A 76 -3.62 -0.46 -12.24
CA GLU A 76 -3.95 0.36 -11.06
C GLU A 76 -4.55 -0.49 -9.96
N LEU A 77 -5.44 -1.41 -10.33
CA LEU A 77 -6.05 -2.31 -9.36
C LEU A 77 -5.04 -3.27 -8.73
N VAL A 78 -4.20 -3.89 -9.55
CA VAL A 78 -3.25 -4.90 -9.06
C VAL A 78 -2.20 -4.25 -8.15
N GLN A 79 -1.59 -3.17 -8.63
CA GLN A 79 -0.61 -2.39 -7.84
C GLN A 79 -1.23 -1.80 -6.58
N TYR A 80 -2.52 -1.44 -6.59
CA TYR A 80 -3.18 -0.96 -5.38
C TYR A 80 -3.21 -2.02 -4.29
N TYR A 81 -3.70 -3.21 -4.62
CA TYR A 81 -3.79 -4.31 -3.66
C TYR A 81 -2.42 -4.91 -3.31
N MET A 82 -1.42 -4.72 -4.18
CA MET A 82 -0.03 -4.99 -3.81
C MET A 82 0.47 -4.06 -2.70
N GLU A 83 0.17 -2.77 -2.85
CA GLU A 83 0.64 -1.70 -1.95
C GLU A 83 -0.22 -1.48 -0.70
N HIS A 84 -1.44 -2.01 -0.68
CA HIS A 84 -2.34 -1.92 0.47
C HIS A 84 -2.75 -3.36 0.81
N HIS A 85 -1.97 -4.01 1.66
CA HIS A 85 -2.07 -5.48 1.84
C HIS A 85 -3.37 -5.90 2.58
N GLY A 86 -3.75 -5.13 3.60
CA GLY A 86 -4.90 -5.48 4.44
C GLY A 86 -6.27 -5.35 3.81
N GLN A 87 -6.37 -4.56 2.73
CA GLN A 87 -7.66 -4.31 2.07
C GLN A 87 -8.25 -5.51 1.32
N LEU A 88 -7.42 -6.50 1.01
CA LEU A 88 -7.90 -7.73 0.39
C LEU A 88 -8.03 -8.82 1.46
N LYS A 89 -9.24 -8.95 2.00
CA LYS A 89 -9.57 -9.92 3.05
C LYS A 89 -10.70 -10.81 2.56
N GLU A 90 -10.75 -12.05 3.07
CA GLU A 90 -11.89 -12.94 2.79
C GLU A 90 -12.83 -13.01 4.00
N LYS A 91 -13.97 -13.66 3.84
CA LYS A 91 -14.98 -13.80 4.92
C LYS A 91 -14.34 -14.37 6.21
N ASN A 92 -13.53 -15.41 6.05
CA ASN A 92 -12.76 -16.03 7.16
C ASN A 92 -12.08 -15.02 8.08
N GLY A 93 -11.50 -13.96 7.51
CA GLY A 93 -10.68 -13.00 8.24
C GLY A 93 -9.26 -12.91 7.71
N ASP A 94 -8.83 -13.95 6.99
CA ASP A 94 -7.49 -13.98 6.41
C ASP A 94 -7.31 -12.92 5.31
N VAL A 95 -6.16 -12.26 5.37
CA VAL A 95 -5.68 -11.42 4.27
C VAL A 95 -5.20 -12.30 3.10
N ILE A 96 -5.39 -11.80 1.88
CA ILE A 96 -4.83 -12.43 0.68
C ILE A 96 -3.76 -11.49 0.15
N GLU A 97 -2.50 -11.94 0.15
CA GLU A 97 -1.36 -11.07 -0.11
C GLU A 97 -0.81 -11.30 -1.52
N LEU A 98 -0.74 -10.22 -2.30
CA LEU A 98 -0.12 -10.22 -3.63
C LEU A 98 1.32 -9.74 -3.48
N LYS A 99 2.22 -10.66 -3.15
CA LYS A 99 3.61 -10.30 -2.85
C LYS A 99 4.50 -10.29 -4.09
N TYR A 100 4.54 -11.44 -4.77
CA TYR A 100 5.50 -11.67 -5.85
C TYR A 100 4.75 -11.96 -7.15
N PRO A 101 4.92 -11.10 -8.18
CA PRO A 101 4.31 -11.43 -9.47
C PRO A 101 4.98 -12.62 -10.16
N LEU A 102 4.18 -13.48 -10.80
CA LEU A 102 4.68 -14.58 -11.63
C LEU A 102 4.51 -14.20 -13.10
N ASN A 103 5.47 -14.58 -13.94
CA ASN A 103 5.56 -14.06 -15.32
C ASN A 103 5.52 -15.12 -16.42
N CYS A 104 5.28 -14.68 -17.66
CA CYS A 104 5.18 -15.57 -18.83
C CYS A 104 6.50 -16.30 -19.17
N GLN B 2 -14.69 -26.02 -12.51
CA GLN B 2 -13.31 -25.65 -12.06
C GLN B 2 -13.21 -25.66 -10.52
N THR B 3 -12.21 -24.96 -9.98
CA THR B 3 -12.11 -24.71 -8.54
C THR B 3 -12.73 -23.35 -8.20
N GLU B 4 -13.21 -23.25 -6.95
CA GLU B 4 -14.05 -22.14 -6.53
C GLU B 4 -13.27 -20.83 -6.31
N PTR B 5 -14.02 -19.74 -6.31
CA PTR B 5 -13.48 -18.39 -6.18
C PTR B 5 -13.72 -17.94 -4.76
O PTR B 5 -14.86 -17.99 -4.29
CB PTR B 5 -14.22 -17.45 -7.14
CG PTR B 5 -13.89 -17.79 -8.58
CD1 PTR B 5 -12.99 -16.98 -9.28
CD2 PTR B 5 -14.47 -18.89 -9.21
CE1 PTR B 5 -12.65 -17.29 -10.60
CE2 PTR B 5 -14.14 -19.18 -10.54
CZ PTR B 5 -13.23 -18.38 -11.24
OH PTR B 5 -12.92 -18.68 -12.55
P PTR B 5 -12.91 -17.60 -13.74
O1P PTR B 5 -13.93 -16.57 -13.34
O2P PTR B 5 -11.48 -17.10 -13.72
O3P PTR B 5 -13.27 -18.40 -14.97
N ALA B 6 -12.67 -17.48 -4.08
CA ALA B 6 -12.81 -17.09 -2.66
C ALA B 6 -13.79 -15.94 -2.48
N THR B 7 -14.42 -15.90 -1.30
CA THR B 7 -15.42 -14.89 -0.95
C THR B 7 -14.74 -13.70 -0.26
N ILE B 8 -14.50 -12.64 -1.04
CA ILE B 8 -13.82 -11.43 -0.57
C ILE B 8 -14.80 -10.54 0.19
N VAL B 9 -14.31 -9.88 1.23
CA VAL B 9 -15.13 -8.97 2.04
C VAL B 9 -14.44 -7.61 2.15
N PHE B 10 -15.23 -6.56 2.37
CA PHE B 10 -14.73 -5.19 2.33
C PHE B 10 -15.23 -4.33 3.50
N PRO B 11 -14.42 -3.34 3.94
CA PRO B 11 -14.82 -2.44 5.02
C PRO B 11 -15.75 -1.31 4.52
N SER C 3 3.45 29.85 5.00
CA SER C 3 2.36 29.25 5.82
C SER C 3 2.83 27.96 6.50
N ARG C 4 3.26 26.99 5.68
CA ARG C 4 3.64 25.63 6.11
C ARG C 4 2.82 25.11 7.28
N ARG C 5 1.51 25.14 7.08
CA ARG C 5 0.49 24.82 8.08
C ARG C 5 0.52 23.37 8.63
N TRP C 6 1.12 22.43 7.89
CA TRP C 6 1.26 21.03 8.34
C TRP C 6 2.35 20.77 9.39
N PHE C 7 3.21 21.75 9.65
CA PHE C 7 4.29 21.62 10.63
C PHE C 7 3.83 22.18 11.98
N HIS C 8 3.63 21.26 12.93
CA HIS C 8 3.24 21.61 14.30
C HIS C 8 4.51 21.75 15.16
N PRO C 9 4.86 22.98 15.57
CA PRO C 9 6.14 23.23 16.24
C PRO C 9 6.22 22.87 17.75
N ASN C 10 5.08 22.73 18.43
CA ASN C 10 5.07 22.60 19.90
C ASN C 10 4.27 21.39 20.37
N ILE C 11 4.60 20.22 19.84
CA ILE C 11 3.81 19.02 20.08
C ILE C 11 4.66 17.73 20.21
N THR C 12 4.35 16.92 21.22
CA THR C 12 4.92 15.55 21.35
C THR C 12 4.27 14.59 20.39
N GLY C 13 4.98 13.49 20.14
CA GLY C 13 4.47 12.42 19.33
C GLY C 13 3.24 11.68 19.83
N VAL C 14 2.96 11.73 21.13
CA VAL C 14 1.78 11.03 21.66
C VAL C 14 0.56 11.96 21.57
N GLU C 15 0.76 13.27 21.76
CA GLU C 15 -0.27 14.28 21.51
C GLU C 15 -0.64 14.34 20.04
N ALA C 16 0.36 14.33 19.16
CA ALA C 16 0.16 14.26 17.70
C ALA C 16 -0.60 12.99 17.32
N GLU C 17 -0.19 11.87 17.90
CA GLU C 17 -0.86 10.58 17.68
C GLU C 17 -2.33 10.57 18.07
N ASN C 18 -2.68 11.25 19.16
CA ASN C 18 -4.08 11.38 19.60
C ASN C 18 -4.83 12.34 18.69
N LEU C 19 -4.21 13.49 18.43
CA LEU C 19 -4.78 14.56 17.61
C LEU C 19 -5.21 14.09 16.23
N LEU C 20 -4.39 13.25 15.58
CA LEU C 20 -4.75 12.67 14.27
C LEU C 20 -5.96 11.75 14.31
N LEU C 21 -6.14 11.03 15.41
CA LEU C 21 -7.31 10.16 15.58
C LEU C 21 -8.60 10.93 15.93
N THR C 22 -8.46 12.18 16.38
CA THR C 22 -9.63 13.04 16.66
C THR C 22 -9.94 13.97 15.48
N ARG C 23 -8.93 14.75 15.06
CA ARG C 23 -9.12 15.86 14.11
C ARG C 23 -8.95 15.45 12.65
N GLY C 24 -8.37 14.28 12.41
CA GLY C 24 -8.03 13.81 11.06
C GLY C 24 -8.77 12.56 10.64
N VAL C 25 -8.39 12.05 9.47
CA VAL C 25 -8.94 10.80 8.89
C VAL C 25 -7.77 9.96 8.42
N ASP C 26 -8.04 8.73 7.98
CA ASP C 26 -7.00 7.89 7.39
C ASP C 26 -6.47 8.57 6.12
N GLY C 27 -5.15 8.82 6.11
CA GLY C 27 -4.52 9.66 5.09
C GLY C 27 -3.98 10.97 5.62
N SER C 28 -4.47 11.38 6.80
CA SER C 28 -3.99 12.62 7.45
C SER C 28 -2.57 12.46 7.99
N PHE C 29 -1.86 13.57 8.05
CA PHE C 29 -0.47 13.58 8.48
C PHE C 29 -0.03 14.97 8.94
N LEU C 30 1.14 15.01 9.56
CA LEU C 30 1.76 16.27 9.99
C LEU C 30 3.25 16.07 10.18
N ALA C 31 3.97 17.17 10.40
CA ALA C 31 5.40 17.13 10.78
C ALA C 31 5.63 17.80 12.13
N ARG C 32 6.60 17.29 12.88
CA ARG C 32 6.95 17.79 14.22
C ARG C 32 8.47 17.77 14.40
N PRO C 33 8.98 18.43 15.48
CA PRO C 33 10.43 18.60 15.64
C PRO C 33 11.25 17.39 16.12
N SER C 34 10.61 16.33 16.61
CA SER C 34 11.30 15.08 17.04
C SER C 34 12.00 15.22 18.39
N LYS C 35 11.51 14.46 19.38
CA LYS C 35 12.13 14.47 20.72
C LYS C 35 13.45 13.68 20.73
N SER C 36 13.41 12.49 20.15
CA SER C 36 14.55 11.55 20.14
C SER C 36 15.89 12.11 19.63
N ASN C 37 15.83 13.04 18.66
CA ASN C 37 17.04 13.65 18.12
C ASN C 37 16.81 15.14 17.73
N PRO C 38 17.19 16.07 18.63
CA PRO C 38 17.04 17.51 18.30
C PRO C 38 17.87 17.89 17.08
N GLY C 39 17.29 18.73 16.22
CA GLY C 39 17.82 18.99 14.89
C GLY C 39 16.98 18.30 13.82
N ASP C 40 16.59 17.04 14.07
CA ASP C 40 15.78 16.27 13.12
C ASP C 40 14.31 16.72 13.09
N PHE C 41 13.50 16.02 12.28
CA PHE C 41 12.05 16.17 12.29
C PHE C 41 11.39 14.79 12.23
N THR C 42 10.06 14.75 12.31
CA THR C 42 9.32 13.49 12.25
C THR C 42 7.94 13.63 11.58
N LEU C 43 7.67 12.79 10.58
CA LEU C 43 6.34 12.71 9.96
C LEU C 43 5.46 11.78 10.79
N SER C 44 4.26 12.23 11.12
CA SER C 44 3.30 11.41 11.85
C SER C 44 2.07 11.24 10.99
N VAL C 45 1.78 10.00 10.58
CA VAL C 45 0.77 9.70 9.56
C VAL C 45 -0.28 8.75 10.11
N ARG C 46 -1.51 8.87 9.62
CA ARG C 46 -2.60 7.97 10.02
C ARG C 46 -2.95 6.97 8.90
N ARG C 47 -3.00 5.69 9.27
CA ARG C 47 -3.34 4.58 8.38
C ARG C 47 -4.20 3.54 9.08
N ASN C 48 -5.33 3.18 8.47
CA ASN C 48 -6.23 2.10 8.95
C ASN C 48 -6.68 2.24 10.42
N GLY C 49 -6.88 3.49 10.87
CA GLY C 49 -7.34 3.78 12.22
C GLY C 49 -6.23 3.94 13.27
N ALA C 50 -4.98 3.67 12.88
CA ALA C 50 -3.82 3.81 13.76
C ALA C 50 -2.84 4.82 13.16
N VAL C 51 -1.79 5.12 13.90
CA VAL C 51 -0.80 6.13 13.51
C VAL C 51 0.60 5.52 13.46
N THR C 52 1.35 5.87 12.41
CA THR C 52 2.76 5.50 12.28
C THR C 52 3.60 6.77 12.31
N HIS C 53 4.83 6.62 12.78
CA HIS C 53 5.78 7.73 12.87
C HIS C 53 7.01 7.42 12.03
N ILE C 54 7.48 8.43 11.31
CA ILE C 54 8.59 8.32 10.37
C ILE C 54 9.63 9.36 10.75
N LYS C 55 10.87 8.92 10.92
CA LYS C 55 11.96 9.81 11.28
C LYS C 55 12.50 10.52 10.04
N ILE C 56 12.82 11.81 10.17
CA ILE C 56 13.41 12.61 9.10
C ILE C 56 14.75 13.16 9.56
N GLN C 57 15.82 12.78 8.85
CA GLN C 57 17.18 13.26 9.10
C GLN C 57 17.38 14.64 8.49
N ASN C 58 17.81 15.59 9.33
CA ASN C 58 18.34 16.87 8.91
C ASN C 58 19.81 16.93 9.30
N THR C 59 20.69 16.94 8.30
CA THR C 59 22.13 17.06 8.55
C THR C 59 22.51 18.51 8.84
N GLY C 60 21.80 19.44 8.21
CA GLY C 60 22.20 20.84 8.13
C GLY C 60 22.40 21.21 6.67
N ASP C 61 23.01 20.29 5.92
CA ASP C 61 23.18 20.44 4.48
C ASP C 61 21.91 20.07 3.70
N TYR C 62 21.26 18.96 4.07
CA TYR C 62 20.05 18.46 3.40
C TYR C 62 19.12 17.70 4.36
N TYR C 63 17.92 17.41 3.85
CA TYR C 63 16.87 16.63 4.52
C TYR C 63 16.65 15.28 3.83
N ASP C 64 16.44 14.22 4.63
CA ASP C 64 16.23 12.86 4.09
C ASP C 64 15.41 11.99 5.06
N LEU C 65 15.03 10.76 4.67
CA LEU C 65 14.33 9.82 5.55
C LEU C 65 15.25 8.67 5.98
N TYR C 66 16.52 9.00 6.26
CA TYR C 66 17.56 7.98 6.45
C TYR C 66 17.52 6.98 5.30
N GLY C 67 17.66 7.52 4.10
CA GLY C 67 17.48 6.76 2.87
C GLY C 67 16.48 7.41 1.92
N GLY C 68 16.59 7.05 0.64
CA GLY C 68 15.76 7.61 -0.40
C GLY C 68 16.29 8.93 -0.92
N GLU C 69 15.39 9.70 -1.53
CA GLU C 69 15.75 10.95 -2.18
C GLU C 69 16.08 12.02 -1.12
N LYS C 70 17.07 12.86 -1.44
CA LYS C 70 17.53 13.93 -0.54
C LYS C 70 17.02 15.28 -1.06
N PHE C 71 16.68 16.18 -0.13
CA PHE C 71 16.01 17.45 -0.46
C PHE C 71 16.68 18.62 0.22
N ALA C 72 16.59 19.80 -0.39
CA ALA C 72 17.20 21.02 0.17
C ALA C 72 16.42 21.55 1.38
N THR C 73 15.08 21.48 1.31
CA THR C 73 14.22 21.95 2.38
C THR C 73 13.14 20.90 2.74
N LEU C 74 12.59 21.03 3.93
CA LEU C 74 11.58 20.08 4.45
C LEU C 74 10.31 20.06 3.62
N ALA C 75 9.89 21.23 3.14
CA ALA C 75 8.71 21.35 2.28
C ALA C 75 8.87 20.55 1.00
N GLU C 76 10.05 20.64 0.39
CA GLU C 76 10.39 19.85 -0.81
C GLU C 76 10.26 18.36 -0.55
N LEU C 77 10.72 17.92 0.63
CA LEU C 77 10.59 16.52 1.01
C LEU C 77 9.15 16.08 1.20
N VAL C 78 8.36 16.88 1.92
CA VAL C 78 6.97 16.51 2.23
C VAL C 78 6.12 16.48 0.97
N GLN C 79 6.19 17.55 0.18
CA GLN C 79 5.48 17.65 -1.11
C GLN C 79 5.95 16.57 -2.10
N TYR C 80 7.22 16.16 -2.04
CA TYR C 80 7.69 15.07 -2.90
C TYR C 80 6.96 13.77 -2.61
N TYR C 81 6.95 13.36 -1.34
CA TYR C 81 6.29 12.12 -0.92
C TYR C 81 4.76 12.21 -0.97
N MET C 82 4.21 13.42 -0.94
CA MET C 82 2.80 13.64 -1.26
C MET C 82 2.50 13.31 -2.72
N GLU C 83 3.35 13.80 -3.62
CA GLU C 83 3.18 13.70 -5.08
C GLU C 83 3.69 12.39 -5.71
N HIS C 84 4.51 11.64 -4.97
CA HIS C 84 5.04 10.34 -5.40
C HIS C 84 4.67 9.32 -4.33
N HIS C 85 3.49 8.72 -4.46
CA HIS C 85 2.89 7.98 -3.33
C HIS C 85 3.60 6.64 -3.05
N GLY C 86 4.01 5.95 -4.09
CA GLY C 86 4.63 4.63 -3.96
C GLY C 86 6.04 4.59 -3.38
N GLN C 87 6.74 5.71 -3.41
CA GLN C 87 8.14 5.78 -2.94
C GLN C 87 8.30 5.65 -1.42
N LEU C 88 7.23 5.88 -0.67
CA LEU C 88 7.25 5.70 0.78
C LEU C 88 6.61 4.36 1.13
N LYS C 89 7.46 3.34 1.27
CA LYS C 89 7.06 1.97 1.59
C LYS C 89 7.74 1.52 2.88
N GLU C 90 7.09 0.61 3.60
CA GLU C 90 7.72 0.01 4.80
C GLU C 90 8.19 -1.41 4.48
N LYS C 91 8.91 -2.04 5.40
CA LYS C 91 9.44 -3.41 5.22
C LYS C 91 8.33 -4.40 4.82
N ASN C 92 7.19 -4.32 5.50
CA ASN C 92 5.98 -5.12 5.20
C ASN C 92 5.63 -5.19 3.70
N GLY C 93 5.76 -4.06 3.01
CA GLY C 93 5.33 -3.92 1.62
C GLY C 93 4.28 -2.84 1.44
N ASP C 94 3.60 -2.47 2.53
CA ASP C 94 2.60 -1.42 2.51
C ASP C 94 3.20 -0.05 2.20
N VAL C 95 2.49 0.68 1.34
CA VAL C 95 2.73 2.11 1.12
C VAL C 95 2.22 2.92 2.32
N ILE C 96 2.91 4.03 2.60
CA ILE C 96 2.46 4.99 3.61
C ILE C 96 2.09 6.26 2.85
N GLU C 97 0.82 6.64 2.91
CA GLU C 97 0.30 7.71 2.05
C GLU C 97 0.09 9.01 2.83
N LEU C 98 0.72 10.09 2.35
CA LEU C 98 0.53 11.44 2.90
C LEU C 98 -0.55 12.14 2.06
N LYS C 99 -1.81 11.91 2.40
CA LYS C 99 -2.93 12.42 1.60
C LYS C 99 -3.36 13.82 2.01
N TYR C 100 -3.73 13.95 3.29
CA TYR C 100 -4.37 15.16 3.81
C TYR C 100 -3.52 15.78 4.90
N PRO C 101 -3.01 17.01 4.71
CA PRO C 101 -2.30 17.67 5.81
C PRO C 101 -3.22 18.07 6.96
N LEU C 102 -2.75 17.90 8.20
CA LEU C 102 -3.45 18.37 9.41
C LEU C 102 -2.75 19.64 9.90
N ASN C 103 -3.52 20.60 10.40
CA ASN C 103 -3.02 21.96 10.69
C ASN C 103 -3.18 22.42 12.14
N CYS C 104 -2.46 23.48 12.49
CA CYS C 104 -2.46 24.04 13.86
C CYS C 104 -3.81 24.60 14.30
N GLN D 2 5.11 4.81 25.41
CA GLN D 2 5.73 5.55 24.26
C GLN D 2 5.49 4.84 22.92
N THR D 3 5.77 5.53 21.82
CA THR D 3 5.52 5.02 20.45
C THR D 3 6.82 4.82 19.66
N GLU D 4 6.82 3.76 18.83
CA GLU D 4 7.97 3.42 17.99
C GLU D 4 7.75 3.84 16.53
N PTR D 5 8.84 3.85 15.79
CA PTR D 5 8.88 4.40 14.43
C PTR D 5 8.82 3.30 13.41
O PTR D 5 9.24 2.17 13.69
CB PTR D 5 10.17 5.20 14.28
CG PTR D 5 10.18 6.39 15.22
CD1 PTR D 5 10.49 6.26 16.58
CD2 PTR D 5 9.86 7.65 14.71
CE1 PTR D 5 10.49 7.37 17.43
CE2 PTR D 5 9.85 8.77 15.56
CZ PTR D 5 10.16 8.63 16.91
OH PTR D 5 10.17 9.72 17.75
P PTR D 5 11.02 11.04 17.39
O1P PTR D 5 11.42 11.65 18.70
O2P PTR D 5 10.05 11.90 16.63
O3P PTR D 5 12.19 10.55 16.57
N ALA D 6 8.30 3.60 12.24
CA ALA D 6 8.18 2.64 11.15
C ALA D 6 9.55 2.38 10.53
N THR D 7 9.69 1.21 9.89
CA THR D 7 10.91 0.83 9.19
C THR D 7 10.69 0.99 7.68
N ILE D 8 11.18 2.11 7.15
CA ILE D 8 11.00 2.48 5.75
C ILE D 8 12.02 1.74 4.90
N VAL D 9 11.59 1.29 3.72
CA VAL D 9 12.47 0.61 2.77
C VAL D 9 12.47 1.35 1.43
N PHE D 10 13.60 1.31 0.74
CA PHE D 10 13.78 2.02 -0.53
C PHE D 10 14.34 1.09 -1.62
N PRO D 11 13.81 1.17 -2.86
CA PRO D 11 14.42 0.47 -3.99
C PRO D 11 15.54 1.30 -4.62
#